data_7PK2
#
_entry.id   7PK2
#
_cell.length_a   63.112
_cell.length_b   63.587
_cell.length_c   135.503
_cell.angle_alpha   90.000
_cell.angle_beta   90.000
_cell.angle_gamma   90.000
#
_symmetry.space_group_name_H-M   'P 21 21 21'
#
loop_
_entity.id
_entity.type
_entity.pdbx_description
1 polymer 'Glycine N-acyltransferase'
2 non-polymer 'MALONATE ION'
3 water water
#
_entity_poly.entity_id   1
_entity_poly.type   'polypeptide(L)'
_entity_poly.pdbx_seq_one_letter_code
;GMFLLQGAQMLQMLEKSLRKSLPMSLKVYGTVMHMNHGNPFNLKALVDKWPDFQTVVIRPQEQDMKDDLDHYTNTYHVYS
EDLKNCQEFLDLPEVINWKQHLQIQSTQSSLNEVIQNLAATKSFKVKRSKNILYMASETIKELTPSLLDVKNLPVGDGKP
KAIDPEMFKLSSVDPSHAAVVNRFWLFGGNERSLRFIERCIQSFPNFCLLGPEGTPVSWSLMDQTGEMRMAGTLPEYRAQ
GLVTHAIYQQAQCLLKRGFPVYSHVDPKNQIMQKMSQSLNHVPMPSDWNQWNCEPL
;
_entity_poly.pdbx_strand_id   A,B
#
# COMPACT_ATOMS: atom_id res chain seq x y z
N GLY A 1 37.14 14.61 1.08
CA GLY A 1 37.31 13.34 1.70
C GLY A 1 35.96 12.67 1.97
N MET A 2 35.98 11.63 2.77
CA MET A 2 34.73 10.95 3.18
C MET A 2 34.97 10.30 4.52
N PHE A 3 34.19 10.66 5.52
CA PHE A 3 34.30 10.11 6.88
C PHE A 3 32.93 9.68 7.35
N LEU A 4 32.87 8.49 7.89
CA LEU A 4 31.68 7.97 8.58
C LEU A 4 31.75 8.34 10.05
N LEU A 5 30.80 9.07 10.59
CA LEU A 5 30.79 9.40 12.01
C LEU A 5 30.45 8.13 12.76
N GLN A 6 31.08 7.98 13.93
CA GLN A 6 30.90 6.78 14.79
C GLN A 6 30.85 7.28 16.24
N GLY A 7 29.77 6.98 16.91
CA GLY A 7 29.65 7.13 18.37
C GLY A 7 28.92 8.39 18.73
N ALA A 8 28.43 8.48 19.95
CA ALA A 8 27.58 9.60 20.42
C ALA A 8 28.36 10.91 20.38
N GLN A 9 29.66 10.90 20.69
CA GLN A 9 30.40 12.19 20.76
C GLN A 9 30.31 12.87 19.38
N MET A 10 30.67 12.15 18.34
CA MET A 10 30.68 12.74 16.98
C MET A 10 29.26 13.13 16.56
N LEU A 11 28.25 12.32 16.85
CA LEU A 11 26.88 12.60 16.37
C LEU A 11 26.33 13.82 17.12
N GLN A 12 26.69 13.98 18.40
CA GLN A 12 26.28 15.17 19.17
CA GLN A 12 26.29 15.17 19.18
C GLN A 12 27.00 16.42 18.65
N MET A 13 28.26 16.30 18.26
CA MET A 13 28.99 17.45 17.66
C MET A 13 28.33 17.84 16.33
N LEU A 14 27.93 16.86 15.52
CA LEU A 14 27.27 17.15 14.23
C LEU A 14 25.96 17.91 14.47
N GLU A 15 25.19 17.46 15.44
CA GLU A 15 23.89 18.11 15.77
C GLU A 15 24.11 19.58 16.14
N LYS A 16 25.10 19.81 16.99
CA LYS A 16 25.39 21.18 17.46
C LYS A 16 25.88 22.05 16.29
N SER A 17 26.72 21.53 15.42
CA SER A 17 27.22 22.29 14.26
C SER A 17 26.06 22.65 13.33
N LEU A 18 25.17 21.69 13.06
CA LEU A 18 24.02 21.97 12.16
C LEU A 18 23.05 22.99 12.76
N ARG A 19 22.99 23.08 14.07
CA ARG A 19 22.09 24.07 14.73
C ARG A 19 22.42 25.47 14.21
N LYS A 20 23.70 25.77 13.88
CA LYS A 20 24.12 27.12 13.45
C LYS A 20 23.62 27.48 12.04
N SER A 21 23.09 26.53 11.25
CA SER A 21 22.62 26.77 9.87
C SER A 21 21.11 26.54 9.71
N LEU A 22 20.37 26.56 10.82
CA LEU A 22 18.91 26.50 10.73
C LEU A 22 18.36 27.81 10.19
N PRO A 23 17.23 27.78 9.45
CA PRO A 23 16.46 26.58 9.13
C PRO A 23 16.93 25.80 7.90
N MET A 24 17.93 26.28 7.17
CA MET A 24 18.23 25.58 5.90
CA MET A 24 18.39 25.63 5.91
C MET A 24 18.77 24.18 6.18
N SER A 25 19.42 23.94 7.30
CA SER A 25 19.91 22.60 7.71
C SER A 25 18.85 21.76 8.44
N LEU A 26 17.63 22.22 8.54
CA LEU A 26 16.63 21.60 9.43
C LEU A 26 16.36 20.15 9.08
N LYS A 27 16.22 19.81 7.81
CA LYS A 27 15.89 18.42 7.44
C LYS A 27 16.98 17.47 7.96
N VAL A 28 18.24 17.87 7.88
CA VAL A 28 19.37 17.04 8.37
C VAL A 28 19.41 17.13 9.90
N TYR A 29 19.28 18.32 10.47
CA TYR A 29 19.36 18.52 11.94
C TYR A 29 18.36 17.60 12.66
N GLY A 30 17.12 17.58 12.20
CA GLY A 30 16.10 16.73 12.84
C GLY A 30 16.44 15.27 12.74
N THR A 31 16.96 14.88 11.60
CA THR A 31 17.39 13.47 11.40
C THR A 31 18.51 13.10 12.37
N VAL A 32 19.48 13.97 12.54
CA VAL A 32 20.62 13.68 13.47
C VAL A 32 20.11 13.65 14.92
N MET A 33 19.15 14.52 15.24
CA MET A 33 18.58 14.51 16.61
C MET A 33 17.98 13.13 16.90
N HIS A 34 17.30 12.53 15.93
CA HIS A 34 16.75 11.17 16.13
C HIS A 34 17.82 10.09 16.11
N MET A 35 18.90 10.27 15.37
CA MET A 35 20.02 9.30 15.46
C MET A 35 20.58 9.35 16.88
N ASN A 36 20.51 10.50 17.53
CA ASN A 36 21.06 10.67 18.90
C ASN A 36 20.05 10.17 19.93
N HIS A 37 18.86 9.74 19.51
CA HIS A 37 17.82 9.14 20.40
C HIS A 37 17.50 7.73 19.92
N GLY A 38 18.50 6.87 19.78
CA GLY A 38 18.35 5.43 19.56
C GLY A 38 18.53 5.04 18.10
N ASN A 39 18.62 6.02 17.20
CA ASN A 39 18.83 5.74 15.75
C ASN A 39 17.92 4.61 15.31
N PRO A 40 16.58 4.73 15.44
CA PRO A 40 15.71 3.60 15.11
C PRO A 40 15.67 3.19 13.64
N PHE A 41 15.97 4.11 12.71
CA PHE A 41 16.01 3.79 11.26
C PHE A 41 17.40 3.32 10.86
N ASN A 42 18.31 3.12 11.80
CA ASN A 42 19.63 2.50 11.46
C ASN A 42 20.34 3.31 10.38
N LEU A 43 20.49 4.61 10.63
CA LEU A 43 21.10 5.49 9.62
C LEU A 43 22.57 5.75 9.95
N LYS A 44 23.26 6.31 8.99
CA LYS A 44 24.67 6.69 9.19
C LYS A 44 24.94 8.09 8.63
N ALA A 45 25.77 8.83 9.34
CA ALA A 45 26.13 10.20 8.95
C ALA A 45 27.50 10.22 8.27
N LEU A 46 27.56 10.77 7.08
CA LEU A 46 28.82 10.90 6.32
C LEU A 46 29.13 12.39 6.12
N VAL A 47 30.40 12.73 6.24
CA VAL A 47 30.84 14.13 5.99
C VAL A 47 32.08 14.10 5.11
N ASP A 48 32.40 15.22 4.49
CA ASP A 48 33.56 15.28 3.60
C ASP A 48 34.84 15.58 4.37
N LYS A 49 34.74 16.06 5.59
CA LYS A 49 35.90 16.49 6.42
C LYS A 49 35.40 16.54 7.84
N TRP A 50 36.25 16.30 8.84
CA TRP A 50 35.82 16.36 10.25
C TRP A 50 36.89 17.08 11.05
N PRO A 51 36.55 17.98 11.97
CA PRO A 51 35.17 18.32 12.33
C PRO A 51 34.49 19.39 11.44
N ASP A 52 35.29 20.12 10.66
CA ASP A 52 34.82 21.31 9.94
C ASP A 52 34.35 20.88 8.55
N PHE A 53 33.22 20.17 8.51
CA PHE A 53 32.67 19.60 7.24
C PHE A 53 32.09 20.73 6.38
N GLN A 54 32.03 20.51 5.08
CA GLN A 54 31.26 21.35 4.14
C GLN A 54 29.98 20.64 3.76
N THR A 55 29.99 19.33 3.61
CA THR A 55 28.81 18.57 3.17
C THR A 55 28.54 17.46 4.17
N VAL A 56 27.28 17.30 4.52
CA VAL A 56 26.81 16.14 5.31
C VAL A 56 25.72 15.42 4.52
N VAL A 57 25.79 14.09 4.57
CA VAL A 57 24.75 13.19 4.03
C VAL A 57 24.37 12.22 5.12
N ILE A 58 23.10 12.11 5.41
CA ILE A 58 22.57 10.99 6.22
C ILE A 58 22.02 9.97 5.25
N ARG A 59 22.40 8.71 5.42
CA ARG A 59 21.97 7.65 4.49
C ARG A 59 21.63 6.40 5.29
N PRO A 60 20.87 5.46 4.68
CA PRO A 60 20.56 4.19 5.32
C PRO A 60 21.74 3.21 5.13
N GLN A 61 21.56 2.03 5.72
CA GLN A 61 22.53 0.95 5.58
C GLN A 61 22.33 0.24 4.25
N GLU A 62 23.40 -0.08 3.53
CA GLU A 62 23.36 -0.74 2.22
C GLU A 62 22.48 -2.01 2.30
N GLN A 63 22.67 -2.79 3.36
CA GLN A 63 22.04 -4.14 3.44
C GLN A 63 20.60 -4.03 3.90
N ASP A 64 20.11 -2.87 4.32
CA ASP A 64 18.67 -2.58 4.51
C ASP A 64 18.06 -2.14 3.17
N MET A 65 18.85 -1.76 2.18
CA MET A 65 18.37 -1.12 0.94
C MET A 65 18.40 -2.18 -0.15
N LYS A 66 17.80 -3.32 0.17
CA LYS A 66 17.92 -4.50 -0.73
C LYS A 66 16.93 -4.34 -1.91
N ASP A 67 15.88 -3.55 -1.77
CA ASP A 67 14.87 -3.39 -2.82
C ASP A 67 15.16 -2.09 -3.58
N ASP A 68 15.63 -2.18 -4.82
CA ASP A 68 15.99 -0.98 -5.61
C ASP A 68 14.77 -0.08 -5.80
N LEU A 69 13.54 -0.61 -5.71
CA LEU A 69 12.31 0.15 -6.00
C LEU A 69 11.77 0.85 -4.75
N ASP A 70 12.30 0.55 -3.60
CA ASP A 70 11.76 1.06 -2.31
C ASP A 70 12.33 2.43 -2.03
N HIS A 71 11.80 3.46 -2.69
CA HIS A 71 12.32 4.82 -2.50
C HIS A 71 12.01 5.31 -1.08
N TYR A 72 11.02 4.75 -0.40
CA TYR A 72 10.73 5.17 0.98
C TYR A 72 11.93 4.81 1.86
N THR A 73 12.45 3.60 1.73
CA THR A 73 13.65 3.19 2.45
C THR A 73 14.88 3.91 1.92
N ASN A 74 14.99 4.08 0.60
CA ASN A 74 16.22 4.61 -0.04
C ASN A 74 16.17 6.13 0.02
N THR A 75 16.24 6.67 1.23
CA THR A 75 16.13 8.12 1.50
C THR A 75 17.44 8.67 2.04
N TYR A 76 17.85 9.81 1.52
CA TYR A 76 19.10 10.50 1.90
C TYR A 76 18.77 11.93 2.32
N HIS A 77 19.46 12.43 3.34
CA HIS A 77 19.24 13.79 3.89
C HIS A 77 20.52 14.57 3.66
N VAL A 78 20.42 15.74 3.04
CA VAL A 78 21.65 16.47 2.61
C VAL A 78 21.65 17.93 2.99
N TYR A 79 22.78 18.42 3.43
CA TYR A 79 22.98 19.87 3.66
C TYR A 79 24.42 20.17 3.25
N SER A 80 24.66 21.30 2.61
CA SER A 80 26.04 21.65 2.22
C SER A 80 26.31 23.16 2.31
N GLU A 81 27.52 23.49 2.75
CA GLU A 81 28.02 24.88 2.79
CA GLU A 81 28.15 24.84 2.82
C GLU A 81 28.71 25.27 1.47
N ASP A 82 28.87 24.37 0.53
CA ASP A 82 29.64 24.70 -0.69
C ASP A 82 29.15 23.79 -1.80
N LEU A 83 28.43 24.34 -2.75
CA LEU A 83 27.74 23.53 -3.78
C LEU A 83 28.71 22.70 -4.62
N LYS A 84 29.90 23.20 -4.90
CA LYS A 84 30.92 22.40 -5.64
C LYS A 84 31.39 21.20 -4.81
N ASN A 85 31.63 21.45 -3.54
CA ASN A 85 32.00 20.38 -2.59
C ASN A 85 30.85 19.37 -2.52
N CYS A 86 29.62 19.82 -2.49
CA CYS A 86 28.46 18.91 -2.39
C CYS A 86 28.42 18.02 -3.61
N GLN A 87 28.58 18.58 -4.81
CA GLN A 87 28.51 17.80 -6.04
C GLN A 87 29.63 16.75 -6.04
N GLU A 88 30.83 17.15 -5.60
CA GLU A 88 31.96 16.18 -5.56
CA GLU A 88 32.01 16.24 -5.47
C GLU A 88 31.67 15.09 -4.52
N PHE A 89 31.00 15.40 -3.42
CA PHE A 89 30.71 14.38 -2.39
C PHE A 89 29.66 13.41 -2.87
N LEU A 90 28.58 13.93 -3.44
CA LEU A 90 27.45 13.07 -3.90
CA LEU A 90 27.46 13.06 -3.88
C LEU A 90 27.87 12.28 -5.13
N ASP A 91 28.96 12.64 -5.80
CA ASP A 91 29.49 11.86 -6.93
C ASP A 91 30.14 10.57 -6.41
N LEU A 92 30.50 10.48 -5.13
CA LEU A 92 31.23 9.28 -4.60
C LEU A 92 30.25 8.13 -4.47
N PRO A 93 30.54 6.91 -5.00
CA PRO A 93 29.52 5.89 -5.00
C PRO A 93 29.26 5.34 -3.59
N GLU A 94 30.16 5.49 -2.65
CA GLU A 94 29.83 5.06 -1.26
C GLU A 94 28.89 6.05 -0.56
N VAL A 95 28.67 7.23 -1.13
CA VAL A 95 27.81 8.24 -0.46
C VAL A 95 26.36 8.02 -0.88
N ILE A 96 26.10 8.00 -2.19
CA ILE A 96 24.74 7.80 -2.77
C ILE A 96 24.79 6.69 -3.80
N ASN A 97 23.84 5.76 -3.73
CA ASN A 97 23.71 4.73 -4.79
C ASN A 97 22.65 5.18 -5.78
N TRP A 98 23.07 5.82 -6.87
CA TRP A 98 22.15 6.39 -7.88
C TRP A 98 21.52 5.30 -8.76
N LYS A 99 21.85 4.04 -8.59
CA LYS A 99 21.24 2.95 -9.40
C LYS A 99 19.90 2.56 -8.82
N GLN A 100 19.48 3.11 -7.69
CA GLN A 100 18.17 2.75 -7.09
C GLN A 100 17.17 3.89 -7.26
N HIS A 101 15.89 3.55 -7.12
CA HIS A 101 14.85 4.56 -6.93
C HIS A 101 15.00 5.11 -5.52
N LEU A 102 15.23 6.42 -5.42
CA LEU A 102 15.62 7.03 -4.15
C LEU A 102 14.98 8.38 -3.98
N GLN A 103 15.03 8.86 -2.75
CA GLN A 103 14.53 10.18 -2.37
C GLN A 103 15.68 10.96 -1.75
N ILE A 104 15.98 12.15 -2.25
N ILE A 104 15.93 12.19 -2.21
CA ILE A 104 16.82 13.09 -1.47
CA ILE A 104 16.86 13.14 -1.55
C ILE A 104 15.88 14.08 -0.84
C ILE A 104 15.99 14.19 -0.87
N GLN A 105 16.07 14.31 0.45
CA GLN A 105 15.31 15.32 1.17
C GLN A 105 16.23 16.39 1.70
N SER A 106 15.80 17.64 1.56
CA SER A 106 16.54 18.77 2.14
C SER A 106 15.65 19.98 2.28
N THR A 107 15.94 20.81 3.27
CA THR A 107 15.35 22.17 3.34
C THR A 107 16.28 23.18 2.70
N GLN A 108 17.14 22.72 1.79
CA GLN A 108 18.11 23.57 1.06
C GLN A 108 17.82 23.47 -0.42
N SER A 109 17.02 24.42 -0.93
CA SER A 109 16.61 24.41 -2.34
C SER A 109 17.80 24.55 -3.30
N SER A 110 18.87 25.22 -2.89
CA SER A 110 20.03 25.40 -3.81
C SER A 110 20.66 24.06 -4.18
N LEU A 111 20.40 22.96 -3.47
CA LEU A 111 20.89 21.64 -3.88
C LEU A 111 20.25 21.23 -5.21
N ASN A 112 19.18 21.88 -5.66
CA ASN A 112 18.55 21.55 -6.96
C ASN A 112 19.58 21.53 -8.09
N GLU A 113 20.45 22.54 -8.15
CA GLU A 113 21.39 22.57 -9.29
C GLU A 113 22.40 21.46 -9.12
N VAL A 114 22.77 21.07 -7.90
CA VAL A 114 23.73 19.94 -7.70
C VAL A 114 23.09 18.64 -8.20
N ILE A 115 21.82 18.44 -7.83
CA ILE A 115 21.12 17.21 -8.24
CA ILE A 115 21.09 17.20 -8.24
C ILE A 115 20.90 17.19 -9.75
N GLN A 116 20.52 18.33 -10.34
CA GLN A 116 20.34 18.37 -11.82
C GLN A 116 21.70 18.09 -12.48
N ASN A 117 22.80 18.56 -11.93
CA ASN A 117 24.14 18.34 -12.54
C ASN A 117 24.46 16.86 -12.45
N LEU A 118 24.20 16.24 -11.30
CA LEU A 118 24.49 14.80 -11.15
C LEU A 118 23.54 13.91 -11.95
N ALA A 119 22.30 14.32 -12.20
CA ALA A 119 21.39 13.58 -13.09
C ALA A 119 22.07 13.37 -14.46
N ALA A 120 22.79 14.40 -14.90
CA ALA A 120 23.47 14.39 -16.22
C ALA A 120 24.71 13.52 -16.18
N THR A 121 25.39 13.36 -15.03
CA THR A 121 26.62 12.55 -15.00
C THR A 121 26.37 11.13 -14.51
N LYS A 122 25.24 10.88 -13.83
CA LYS A 122 24.98 9.59 -13.13
C LYS A 122 23.82 8.83 -13.74
N SER A 123 23.31 9.31 -14.88
CA SER A 123 22.28 8.57 -15.65
CA SER A 123 22.28 8.57 -15.65
C SER A 123 21.02 8.35 -14.81
N PHE A 124 20.50 9.41 -14.22
CA PHE A 124 19.18 9.29 -13.54
C PHE A 124 18.28 10.45 -13.97
N LYS A 125 17.00 10.28 -13.75
CA LYS A 125 16.04 11.38 -13.93
C LYS A 125 15.41 11.74 -12.58
N VAL A 126 14.94 12.95 -12.51
CA VAL A 126 14.55 13.64 -11.26
CA VAL A 126 14.52 13.56 -11.24
C VAL A 126 13.16 14.22 -11.41
N LYS A 127 12.34 14.04 -10.40
CA LYS A 127 11.09 14.79 -10.21
C LYS A 127 11.13 15.43 -8.83
N ARG A 128 11.06 16.74 -8.77
CA ARG A 128 11.20 17.54 -7.53
C ARG A 128 9.83 17.87 -6.99
N SER A 129 9.63 17.59 -5.72
CA SER A 129 8.49 18.11 -4.95
CA SER A 129 8.50 18.05 -4.88
C SER A 129 8.98 19.24 -4.04
N LYS A 130 8.45 20.43 -4.25
CA LYS A 130 8.82 21.60 -3.46
C LYS A 130 7.56 22.02 -2.71
N ASN A 131 7.63 22.16 -1.42
CA ASN A 131 6.48 22.58 -0.58
CA ASN A 131 6.48 22.58 -0.57
C ASN A 131 6.91 23.72 0.35
N ILE A 132 5.94 24.38 0.93
CA ILE A 132 6.18 25.42 1.94
C ILE A 132 6.67 24.75 3.23
N LEU A 133 7.73 25.25 3.80
CA LEU A 133 8.27 24.79 5.09
C LEU A 133 7.67 25.64 6.20
N TYR A 134 7.04 25.00 7.17
CA TYR A 134 6.52 25.68 8.39
C TYR A 134 7.36 25.27 9.57
N MET A 135 7.51 26.18 10.53
CA MET A 135 8.04 25.85 11.86
CA MET A 135 8.10 25.91 11.86
C MET A 135 7.16 26.53 12.91
N ALA A 136 7.07 25.89 14.05
CA ALA A 136 6.34 26.50 15.18
C ALA A 136 7.05 27.80 15.58
N SER A 137 6.26 28.82 15.94
N SER A 137 6.25 28.81 15.96
CA SER A 137 6.79 30.09 16.51
CA SER A 137 6.78 30.09 16.50
C SER A 137 7.75 29.76 17.66
C SER A 137 7.70 29.80 17.68
N GLU A 138 7.33 28.81 18.50
CA GLU A 138 8.13 28.43 19.69
C GLU A 138 9.48 27.87 19.25
N THR A 139 9.54 27.06 18.19
CA THR A 139 10.81 26.49 17.74
C THR A 139 11.67 27.62 17.13
N ILE A 140 11.06 28.52 16.36
CA ILE A 140 11.77 29.67 15.74
C ILE A 140 12.45 30.47 16.86
N LYS A 141 11.72 30.74 17.95
CA LYS A 141 12.34 31.58 19.02
C LYS A 141 13.55 30.91 19.65
N GLU A 142 13.58 29.59 19.77
CA GLU A 142 14.68 28.86 20.44
C GLU A 142 15.83 28.62 19.46
N LEU A 143 15.54 28.22 18.23
CA LEU A 143 16.59 27.71 17.31
C LEU A 143 17.10 28.77 16.33
N THR A 144 16.25 29.69 15.90
CA THR A 144 16.55 30.74 14.87
C THR A 144 16.03 32.12 15.25
N PRO A 145 16.51 32.69 16.35
CA PRO A 145 16.14 34.06 16.75
C PRO A 145 16.94 35.13 15.97
N GLY A 158 -2.76 30.01 20.08
CA GLY A 158 -2.45 29.08 18.96
C GLY A 158 -3.18 27.74 19.09
N LYS A 159 -4.41 27.72 19.63
CA LYS A 159 -5.11 26.47 20.01
C LYS A 159 -6.14 26.04 18.97
N PRO A 160 -6.46 24.73 18.88
CA PRO A 160 -7.53 24.25 18.02
C PRO A 160 -8.90 24.85 18.37
N LYS A 161 -9.89 24.79 17.47
CA LYS A 161 -11.31 25.12 17.78
C LYS A 161 -11.84 23.99 18.68
N ALA A 162 -12.71 24.29 19.65
CA ALA A 162 -13.34 23.32 20.57
C ALA A 162 -14.08 22.23 19.79
N ILE A 163 -13.94 20.97 20.22
CA ILE A 163 -14.79 19.84 19.76
C ILE A 163 -15.37 19.15 20.99
N ASP A 164 -16.37 18.30 20.75
CA ASP A 164 -17.14 17.61 21.80
C ASP A 164 -16.29 16.49 22.38
N PRO A 165 -15.88 16.56 23.68
CA PRO A 165 -15.06 15.53 24.30
C PRO A 165 -15.77 14.17 24.52
N GLU A 166 -17.10 14.16 24.41
CA GLU A 166 -17.90 12.91 24.47
C GLU A 166 -17.84 12.23 23.10
N MET A 167 -17.52 12.96 22.02
CA MET A 167 -17.48 12.45 20.63
C MET A 167 -16.07 11.96 20.28
N PHE A 168 -15.05 12.69 20.71
CA PHE A 168 -13.65 12.51 20.23
C PHE A 168 -12.73 12.42 21.44
N LYS A 169 -11.80 11.47 21.40
CA LYS A 169 -10.81 11.24 22.47
C LYS A 169 -9.45 11.22 21.79
N LEU A 170 -8.48 11.81 22.45
CA LEU A 170 -7.08 11.80 21.99
C LEU A 170 -6.46 10.46 22.35
N SER A 171 -5.70 9.90 21.42
CA SER A 171 -4.94 8.66 21.64
C SER A 171 -3.73 8.69 20.69
N SER A 172 -3.14 7.54 20.52
CA SER A 172 -2.12 7.36 19.47
CA SER A 172 -2.07 7.30 19.52
C SER A 172 -2.56 6.21 18.56
N VAL A 173 -2.06 6.21 17.34
CA VAL A 173 -2.42 5.20 16.31
C VAL A 173 -1.71 3.90 16.71
N ASP A 174 -2.50 2.85 16.86
CA ASP A 174 -1.94 1.50 17.07
C ASP A 174 -1.22 1.10 15.77
N PRO A 175 -0.07 0.41 15.80
CA PRO A 175 0.54 -0.11 14.56
C PRO A 175 -0.45 -0.93 13.71
N SER A 176 -1.45 -1.56 14.33
CA SER A 176 -2.51 -2.35 13.66
C SER A 176 -3.44 -1.45 12.83
N HIS A 177 -3.40 -0.12 13.01
CA HIS A 177 -4.23 0.85 12.23
C HIS A 177 -3.32 1.68 11.32
N ALA A 178 -2.10 1.24 11.04
CA ALA A 178 -1.21 1.87 10.03
C ALA A 178 -1.95 1.92 8.70
N ALA A 179 -2.72 0.86 8.40
CA ALA A 179 -3.38 0.70 7.12
C ALA A 179 -4.26 1.90 6.83
N VAL A 180 -4.97 2.43 7.83
CA VAL A 180 -5.85 3.59 7.57
C VAL A 180 -5.04 4.82 7.19
N VAL A 181 -3.92 5.05 7.88
CA VAL A 181 -3.07 6.22 7.54
C VAL A 181 -2.59 6.09 6.09
N ASN A 182 -2.13 4.89 5.78
CA ASN A 182 -1.55 4.63 4.43
C ASN A 182 -2.62 4.72 3.32
N ARG A 183 -3.82 4.27 3.66
CA ARG A 183 -4.99 4.24 2.76
C ARG A 183 -5.24 5.65 2.24
N PHE A 184 -5.06 6.69 3.07
CA PHE A 184 -5.38 8.09 2.74
C PHE A 184 -4.14 8.97 2.51
N TRP A 185 -2.93 8.39 2.51
CA TRP A 185 -1.69 9.15 2.23
C TRP A 185 -1.53 9.27 0.71
N LEU A 186 -1.55 10.48 0.18
CA LEU A 186 -1.58 10.59 -1.31
C LEU A 186 -0.18 10.37 -1.89
N PHE A 187 0.86 10.14 -1.09
CA PHE A 187 2.16 9.66 -1.63
C PHE A 187 2.38 8.22 -1.21
N GLY A 188 1.32 7.55 -0.74
CA GLY A 188 1.39 6.18 -0.28
C GLY A 188 0.32 5.32 -0.93
N GLY A 189 -0.47 4.62 -0.19
CA GLY A 189 -1.52 3.78 -0.77
C GLY A 189 -1.02 2.43 -1.23
N ASN A 190 0.25 2.08 -1.10
CA ASN A 190 0.81 0.82 -1.63
C ASN A 190 1.44 0.02 -0.47
N GLU A 191 2.02 -1.13 -0.71
CA GLU A 191 2.57 -1.97 0.38
C GLU A 191 3.87 -1.37 0.91
N ARG A 192 4.77 -0.93 0.05
CA ARG A 192 6.05 -0.33 0.51
C ARG A 192 5.73 0.90 1.36
N SER A 193 4.79 1.73 0.99
CA SER A 193 4.45 2.91 1.78
C SER A 193 3.85 2.49 3.10
N LEU A 194 3.04 1.44 3.13
CA LEU A 194 2.49 0.93 4.41
C LEU A 194 3.63 0.56 5.33
N ARG A 195 4.66 -0.13 4.83
N ARG A 195 4.66 -0.13 4.82
CA ARG A 195 5.77 -0.58 5.69
CA ARG A 195 5.80 -0.59 5.65
C ARG A 195 6.47 0.65 6.25
C ARG A 195 6.52 0.63 6.22
N PHE A 196 6.63 1.72 5.45
CA PHE A 196 7.25 2.96 5.93
C PHE A 196 6.40 3.56 7.05
N ILE A 197 5.09 3.63 6.86
CA ILE A 197 4.20 4.16 7.93
C ILE A 197 4.31 3.28 9.16
N GLU A 198 4.31 1.99 9.03
CA GLU A 198 4.44 1.10 10.21
C GLU A 198 5.75 1.39 10.94
N ARG A 199 6.84 1.65 10.26
CA ARG A 199 8.12 1.92 10.93
C ARG A 199 7.97 3.27 11.63
N CYS A 200 7.33 4.25 11.04
CA CYS A 200 7.15 5.58 11.70
C CYS A 200 6.31 5.48 12.96
N ILE A 201 5.24 4.69 12.91
CA ILE A 201 4.35 4.52 14.08
C ILE A 201 5.08 3.72 15.15
N GLN A 202 5.88 2.72 14.84
CA GLN A 202 6.64 1.92 15.81
C GLN A 202 7.68 2.83 16.47
N SER A 203 8.33 3.71 15.73
CA SER A 203 9.58 4.36 16.16
C SER A 203 9.33 5.72 16.80
N PHE A 204 8.30 6.49 16.42
CA PHE A 204 8.20 7.93 16.76
C PHE A 204 6.81 8.25 17.27
N PRO A 205 6.69 9.34 18.06
CA PRO A 205 5.39 9.74 18.56
C PRO A 205 4.39 10.05 17.46
N ASN A 206 3.13 9.76 17.77
CA ASN A 206 2.05 10.11 16.85
C ASN A 206 0.79 10.33 17.71
N PHE A 207 -0.13 11.10 17.17
CA PHE A 207 -1.38 11.40 17.89
C PHE A 207 -2.51 11.17 16.94
N CYS A 208 -3.64 10.75 17.48
CA CYS A 208 -4.88 10.68 16.69
C CYS A 208 -6.05 11.13 17.57
N LEU A 209 -7.11 11.56 16.94
CA LEU A 209 -8.43 11.62 17.61
C LEU A 209 -9.13 10.32 17.24
N LEU A 210 -9.67 9.67 18.26
CA LEU A 210 -10.58 8.53 18.09
C LEU A 210 -11.98 9.12 17.90
N GLY A 211 -12.77 8.52 17.02
CA GLY A 211 -14.16 8.90 16.78
C GLY A 211 -15.04 8.22 17.81
N PRO A 212 -16.35 8.45 17.72
CA PRO A 212 -17.29 7.84 18.66
C PRO A 212 -17.24 6.31 18.71
N GLU A 213 -16.71 5.62 17.70
CA GLU A 213 -16.56 4.14 17.68
C GLU A 213 -15.20 3.67 18.23
N GLY A 214 -14.30 4.59 18.58
CA GLY A 214 -13.04 4.27 19.26
C GLY A 214 -11.91 3.94 18.31
N THR A 215 -11.98 4.36 17.07
CA THR A 215 -10.93 4.12 16.05
C THR A 215 -10.43 5.47 15.56
N PRO A 216 -9.24 5.51 14.94
CA PRO A 216 -8.68 6.81 14.56
C PRO A 216 -9.48 7.44 13.44
N VAL A 217 -9.91 8.70 13.61
CA VAL A 217 -10.63 9.46 12.57
C VAL A 217 -9.76 10.60 12.05
N SER A 218 -8.76 11.03 12.78
CA SER A 218 -7.76 12.01 12.29
CA SER A 218 -7.75 12.02 12.30
C SER A 218 -6.43 11.69 12.96
N TRP A 219 -5.30 12.02 12.35
CA TRP A 219 -3.98 11.57 12.83
C TRP A 219 -2.87 12.52 12.35
N SER A 220 -1.79 12.51 13.13
CA SER A 220 -0.52 13.22 12.87
C SER A 220 0.60 12.28 13.24
N LEU A 221 1.51 12.03 12.30
CA LEU A 221 2.67 11.13 12.50
C LEU A 221 3.95 11.98 12.49
N MET A 222 5.05 11.30 12.68
CA MET A 222 6.42 11.85 12.61
C MET A 222 7.27 10.84 11.88
N ASP A 223 8.26 11.31 11.14
CA ASP A 223 9.23 10.38 10.51
C ASP A 223 10.61 10.52 11.13
N GLN A 224 11.59 9.86 10.51
CA GLN A 224 12.94 9.73 11.05
C GLN A 224 13.72 11.04 11.03
N THR A 225 13.13 12.06 10.43
CA THR A 225 13.72 13.42 10.37
C THR A 225 13.15 14.29 11.46
N GLY A 226 12.22 13.78 12.24
CA GLY A 226 11.53 14.58 13.26
C GLY A 226 10.45 15.47 12.73
N GLU A 227 10.21 15.44 11.43
CA GLU A 227 9.13 16.28 10.86
C GLU A 227 7.74 15.70 11.13
N MET A 228 6.80 16.59 11.38
CA MET A 228 5.38 16.12 11.45
C MET A 228 4.94 15.76 10.05
N ARG A 229 4.32 14.61 9.88
CA ARG A 229 4.14 13.93 8.58
CA ARG A 229 4.07 14.09 8.52
C ARG A 229 2.72 13.36 8.45
N MET A 230 2.25 13.24 7.24
CA MET A 230 1.20 12.26 6.88
C MET A 230 -0.08 12.49 7.65
N ALA A 231 -0.36 13.71 7.99
CA ALA A 231 -1.65 14.07 8.66
C ALA A 231 -2.82 13.75 7.73
N GLY A 232 -3.91 13.29 8.31
CA GLY A 232 -5.08 12.88 7.53
C GLY A 232 -6.30 12.71 8.39
N THR A 233 -7.43 12.55 7.72
CA THR A 233 -8.75 12.35 8.35
C THR A 233 -9.52 11.34 7.51
N LEU A 234 -10.35 10.51 8.16
CA LEU A 234 -11.33 9.69 7.43
C LEU A 234 -12.20 10.62 6.61
N PRO A 235 -12.53 10.26 5.36
CA PRO A 235 -13.38 11.09 4.51
C PRO A 235 -14.66 11.57 5.22
N GLU A 236 -15.32 10.71 5.97
CA GLU A 236 -16.62 11.05 6.63
C GLU A 236 -16.41 12.09 7.73
N TYR A 237 -15.17 12.32 8.17
CA TYR A 237 -14.89 13.25 9.29
C TYR A 237 -14.20 14.52 8.79
N ARG A 238 -14.11 14.76 7.48
CA ARG A 238 -13.40 15.96 6.96
C ARG A 238 -14.26 17.20 7.16
N ALA A 239 -13.61 18.36 7.11
CA ALA A 239 -14.25 19.69 7.16
C ALA A 239 -14.85 19.91 8.56
N GLN A 240 -14.26 19.28 9.59
CA GLN A 240 -14.63 19.43 11.02
C GLN A 240 -13.42 19.91 11.83
N GLY A 241 -12.30 20.27 11.18
CA GLY A 241 -11.06 20.74 11.84
C GLY A 241 -10.42 19.70 12.75
N LEU A 242 -10.67 18.41 12.52
CA LEU A 242 -10.17 17.35 13.42
C LEU A 242 -8.65 17.19 13.28
N VAL A 243 -8.11 17.40 12.09
CA VAL A 243 -6.65 17.16 11.93
C VAL A 243 -5.87 18.23 12.70
N THR A 244 -6.44 19.42 12.86
CA THR A 244 -5.83 20.52 13.67
C THR A 244 -5.54 20.04 15.09
N HIS A 245 -6.45 19.26 15.68
CA HIS A 245 -6.30 18.71 17.04
C HIS A 245 -5.11 17.75 17.11
N ALA A 246 -5.02 16.82 16.15
CA ALA A 246 -3.96 15.78 16.14
C ALA A 246 -2.60 16.50 16.01
N ILE A 247 -2.53 17.44 15.06
CA ILE A 247 -1.24 18.16 14.79
C ILE A 247 -0.89 19.05 15.99
N TYR A 248 -1.89 19.71 16.59
CA TYR A 248 -1.62 20.55 17.78
C TYR A 248 -1.02 19.72 18.90
N GLN A 249 -1.60 18.52 19.16
CA GLN A 249 -1.08 17.64 20.24
C GLN A 249 0.31 17.12 19.94
N GLN A 250 0.51 16.67 18.70
CA GLN A 250 1.83 16.22 18.24
C GLN A 250 2.82 17.36 18.53
N ALA A 251 2.49 18.57 18.09
CA ALA A 251 3.39 19.72 18.24
C ALA A 251 3.67 20.00 19.73
N GLN A 252 2.63 19.93 20.57
CA GLN A 252 2.82 20.18 22.01
C GLN A 252 3.78 19.16 22.62
N CYS A 253 3.68 17.88 22.27
N CYS A 253 3.67 17.87 22.29
CA CYS A 253 4.59 16.87 22.85
CA CYS A 253 4.61 16.88 22.88
C CYS A 253 6.03 17.03 22.32
C CYS A 253 6.04 17.07 22.33
N LEU A 254 6.21 17.41 21.05
CA LEU A 254 7.55 17.67 20.49
C LEU A 254 8.21 18.81 21.27
N LEU A 255 7.46 19.89 21.49
CA LEU A 255 8.01 21.07 22.21
C LEU A 255 8.52 20.58 23.56
N LYS A 256 7.66 19.86 24.28
CA LYS A 256 7.97 19.35 25.64
C LYS A 256 9.18 18.43 25.64
N ARG A 257 9.40 17.64 24.58
CA ARG A 257 10.55 16.72 24.52
C ARG A 257 11.81 17.42 23.96
N GLY A 258 11.76 18.70 23.60
CA GLY A 258 12.90 19.49 23.11
C GLY A 258 13.24 19.27 21.65
N PHE A 259 12.29 18.81 20.86
CA PHE A 259 12.51 18.59 19.42
C PHE A 259 11.87 19.75 18.68
N PRO A 260 12.41 20.04 17.50
CA PRO A 260 11.83 21.08 16.67
C PRO A 260 10.46 20.67 16.15
N VAL A 261 9.57 21.65 16.04
CA VAL A 261 8.23 21.42 15.41
C VAL A 261 8.31 21.99 14.00
N TYR A 262 8.21 21.10 13.03
CA TYR A 262 8.23 21.56 11.61
C TYR A 262 7.31 20.69 10.76
N SER A 263 6.95 21.21 9.62
CA SER A 263 5.99 20.54 8.73
C SER A 263 6.08 21.18 7.36
N HIS A 264 5.35 20.63 6.41
CA HIS A 264 5.27 21.23 5.07
C HIS A 264 3.85 21.17 4.52
N VAL A 265 3.58 22.11 3.63
CA VAL A 265 2.23 22.19 3.04
C VAL A 265 2.36 22.48 1.54
N ASP A 266 1.57 21.80 0.73
CA ASP A 266 1.45 22.07 -0.72
C ASP A 266 0.88 23.47 -0.88
N PRO A 267 1.49 24.34 -1.72
CA PRO A 267 0.95 25.68 -1.93
C PRO A 267 -0.52 25.72 -2.39
N LYS A 268 -0.99 24.69 -3.08
CA LYS A 268 -2.41 24.52 -3.52
C LYS A 268 -3.32 24.50 -2.29
N ASN A 269 -2.84 23.95 -1.17
CA ASN A 269 -3.72 23.54 -0.03
C ASN A 269 -3.89 24.70 0.95
N GLN A 270 -4.89 25.54 0.74
CA GLN A 270 -5.15 26.74 1.59
C GLN A 270 -5.71 26.35 2.97
N ILE A 271 -6.45 25.25 3.03
CA ILE A 271 -7.06 24.73 4.31
C ILE A 271 -5.91 24.43 5.30
N MET A 272 -4.88 23.73 4.83
CA MET A 272 -3.72 23.37 5.71
C MET A 272 -2.80 24.58 5.93
N GLN A 273 -2.75 25.57 5.02
CA GLN A 273 -1.99 26.80 5.33
C GLN A 273 -2.71 27.56 6.45
N LYS A 274 -4.03 27.66 6.37
CA LYS A 274 -4.87 28.38 7.37
C LYS A 274 -4.73 27.69 8.73
N MET A 275 -4.85 26.37 8.69
CA MET A 275 -4.70 25.58 9.93
CA MET A 275 -4.64 25.44 9.84
C MET A 275 -3.29 25.82 10.47
N SER A 276 -2.24 25.80 9.65
CA SER A 276 -0.87 26.10 10.14
C SER A 276 -0.82 27.48 10.82
N GLN A 277 -1.37 28.50 10.19
CA GLN A 277 -1.43 29.88 10.76
C GLN A 277 -2.20 29.86 12.10
N SER A 278 -3.29 29.11 12.18
CA SER A 278 -4.13 29.08 13.40
C SER A 278 -3.35 28.45 14.55
N LEU A 279 -2.31 27.65 14.22
CA LEU A 279 -1.50 27.00 15.28
C LEU A 279 -0.20 27.77 15.51
N ASN A 280 -0.09 28.97 14.95
CA ASN A 280 1.12 29.82 15.06
C ASN A 280 2.32 29.09 14.43
N HIS A 281 2.07 28.30 13.40
CA HIS A 281 3.16 27.81 12.51
C HIS A 281 3.41 28.89 11.44
N VAL A 282 4.67 29.14 11.18
CA VAL A 282 5.15 30.27 10.34
C VAL A 282 5.81 29.71 9.08
N PRO A 283 5.49 30.21 7.88
CA PRO A 283 6.22 29.79 6.69
C PRO A 283 7.63 30.38 6.66
N MET A 284 8.61 29.58 6.25
CA MET A 284 10.04 29.93 6.42
C MET A 284 10.65 30.35 5.11
N PRO A 285 11.83 31.03 5.17
CA PRO A 285 12.53 31.46 3.97
C PRO A 285 13.23 30.33 3.23
N SER A 286 13.36 29.19 3.90
CA SER A 286 13.82 27.93 3.26
C SER A 286 12.61 27.15 2.81
N ASP A 287 12.72 26.38 1.74
CA ASP A 287 11.65 25.52 1.23
C ASP A 287 11.85 24.07 1.66
N TRP A 288 10.76 23.31 1.59
CA TRP A 288 10.85 21.85 1.81
C TRP A 288 11.02 21.22 0.44
N ASN A 289 11.99 20.31 0.33
CA ASN A 289 12.26 19.66 -0.98
C ASN A 289 12.43 18.15 -0.89
N GLN A 290 11.92 17.46 -1.88
CA GLN A 290 12.20 16.02 -2.04
C GLN A 290 12.47 15.81 -3.52
N TRP A 291 13.66 15.34 -3.84
CA TRP A 291 14.02 14.99 -5.22
C TRP A 291 13.87 13.47 -5.37
N ASN A 292 12.92 13.08 -6.20
CA ASN A 292 12.65 11.65 -6.47
C ASN A 292 13.52 11.29 -7.68
N CYS A 293 14.45 10.38 -7.49
CA CYS A 293 15.48 10.06 -8.50
C CYS A 293 15.32 8.61 -8.88
N GLU A 294 15.43 8.27 -10.16
CA GLU A 294 15.50 6.86 -10.59
C GLU A 294 16.34 6.77 -11.85
N PRO A 295 17.01 5.62 -12.07
CA PRO A 295 17.83 5.45 -13.27
C PRO A 295 17.05 5.70 -14.55
N LEU A 296 17.76 6.23 -15.55
CA LEU A 296 17.24 6.26 -16.95
C LEU A 296 17.07 4.84 -17.45
N GLY B 1 3.68 5.04 -20.15
CA GLY B 1 3.33 4.48 -21.48
C GLY B 1 2.40 3.30 -21.35
N MET B 2 2.58 2.32 -22.22
CA MET B 2 1.76 1.08 -22.21
C MET B 2 2.57 -0.02 -22.91
N PHE B 3 2.73 -1.13 -22.21
CA PHE B 3 3.46 -2.32 -22.67
C PHE B 3 2.68 -3.59 -22.37
N LEU B 4 2.47 -4.41 -23.37
CA LEU B 4 1.87 -5.74 -23.26
C LEU B 4 2.99 -6.74 -23.00
N LEU B 5 2.96 -7.42 -21.87
CA LEU B 5 3.95 -8.44 -21.56
C LEU B 5 3.72 -9.64 -22.46
N GLN B 6 4.82 -10.25 -22.92
CA GLN B 6 4.76 -11.39 -23.84
C GLN B 6 5.79 -12.39 -23.35
N GLY B 7 5.35 -13.61 -23.14
CA GLY B 7 6.23 -14.75 -22.88
C GLY B 7 6.42 -15.04 -21.41
N ALA B 8 6.93 -16.23 -21.09
CA ALA B 8 7.06 -16.75 -19.72
C ALA B 8 8.06 -15.92 -18.94
N GLN B 9 9.16 -15.44 -19.56
CA GLN B 9 10.21 -14.69 -18.82
C GLN B 9 9.61 -13.39 -18.25
N MET B 10 8.90 -12.64 -19.07
CA MET B 10 8.24 -11.40 -18.61
C MET B 10 7.20 -11.71 -17.54
N LEU B 11 6.36 -12.71 -17.75
CA LEU B 11 5.28 -13.01 -16.77
C LEU B 11 5.88 -13.52 -15.45
N GLN B 12 6.98 -14.27 -15.47
CA GLN B 12 7.65 -14.73 -14.24
CA GLN B 12 7.60 -14.73 -14.20
C GLN B 12 8.28 -13.54 -13.52
N MET B 13 8.85 -12.59 -14.26
CA MET B 13 9.42 -11.36 -13.68
CA MET B 13 9.42 -11.35 -13.68
C MET B 13 8.29 -10.55 -13.00
N LEU B 14 7.15 -10.44 -13.67
CA LEU B 14 6.00 -9.73 -13.06
C LEU B 14 5.58 -10.44 -11.77
N GLU B 15 5.47 -11.75 -11.77
CA GLU B 15 5.08 -12.50 -10.56
C GLU B 15 6.07 -12.19 -9.43
N LYS B 16 7.39 -12.24 -9.73
CA LYS B 16 8.41 -12.06 -8.66
C LYS B 16 8.32 -10.64 -8.11
N SER B 17 8.15 -9.66 -8.97
CA SER B 17 8.09 -8.24 -8.57
C SER B 17 6.85 -8.04 -7.67
N LEU B 18 5.69 -8.58 -8.07
CA LEU B 18 4.44 -8.40 -7.26
C LEU B 18 4.55 -9.05 -5.89
N ARG B 19 5.32 -10.12 -5.76
CA ARG B 19 5.47 -10.82 -4.47
C ARG B 19 5.94 -9.82 -3.42
N LYS B 20 6.71 -8.81 -3.79
CA LYS B 20 7.29 -7.86 -2.82
C LYS B 20 6.21 -6.94 -2.22
N SER B 21 5.03 -6.83 -2.84
CA SER B 21 3.94 -5.91 -2.44
C SER B 21 2.75 -6.67 -1.87
N LEU B 22 2.91 -7.95 -1.54
CA LEU B 22 1.80 -8.69 -0.90
C LEU B 22 1.61 -8.17 0.52
N PRO B 23 0.37 -8.15 1.03
CA PRO B 23 -0.85 -8.62 0.34
C PRO B 23 -1.59 -7.63 -0.56
N MET B 24 -1.18 -6.36 -0.63
N MET B 24 -1.14 -6.37 -0.58
CA MET B 24 -1.96 -5.38 -1.42
CA MET B 24 -1.79 -5.32 -1.39
C MET B 24 -1.93 -5.75 -2.91
C MET B 24 -1.94 -5.82 -2.83
N SER B 25 -0.87 -6.42 -3.38
CA SER B 25 -0.83 -6.89 -4.78
C SER B 25 -1.48 -8.28 -4.99
N LEU B 26 -2.06 -8.89 -4.00
CA LEU B 26 -2.41 -10.32 -4.00
C LEU B 26 -3.40 -10.64 -5.11
N LYS B 27 -4.39 -9.80 -5.37
CA LYS B 27 -5.40 -10.12 -6.39
C LYS B 27 -4.70 -10.24 -7.74
N VAL B 28 -3.73 -9.38 -8.04
CA VAL B 28 -3.00 -9.46 -9.33
C VAL B 28 -2.01 -10.63 -9.26
N TYR B 29 -1.28 -10.75 -8.16
CA TYR B 29 -0.28 -11.82 -8.01
C TYR B 29 -0.89 -13.19 -8.28
N GLY B 30 -2.03 -13.50 -7.70
CA GLY B 30 -2.66 -14.82 -7.91
C GLY B 30 -3.04 -15.00 -9.36
N THR B 31 -3.58 -13.96 -9.98
CA THR B 31 -3.97 -14.01 -11.39
C THR B 31 -2.75 -14.30 -12.25
N VAL B 32 -1.64 -13.62 -11.99
CA VAL B 32 -0.41 -13.83 -12.80
C VAL B 32 0.09 -15.24 -12.58
N MET B 33 0.00 -15.76 -11.37
CA MET B 33 0.41 -17.17 -11.11
C MET B 33 -0.35 -18.13 -12.02
N HIS B 34 -1.65 -17.93 -12.19
CA HIS B 34 -2.44 -18.78 -13.13
C HIS B 34 -2.09 -18.51 -14.58
N MET B 35 -1.77 -17.28 -14.92
CA MET B 35 -1.29 -17.01 -16.30
C MET B 35 -0.01 -17.82 -16.55
N ASN B 36 0.80 -18.03 -15.52
CA ASN B 36 2.09 -18.77 -15.64
C ASN B 36 1.83 -20.27 -15.54
N HIS B 37 0.60 -20.70 -15.38
CA HIS B 37 0.17 -22.11 -15.34
C HIS B 37 -0.90 -22.33 -16.41
N GLY B 38 -0.61 -21.98 -17.63
CA GLY B 38 -1.41 -22.34 -18.80
C GLY B 38 -2.42 -21.25 -19.19
N ASN B 39 -2.55 -20.18 -18.40
CA ASN B 39 -3.41 -19.03 -18.76
C ASN B 39 -4.75 -19.52 -19.32
N PRO B 40 -5.52 -20.31 -18.53
CA PRO B 40 -6.76 -20.90 -19.02
C PRO B 40 -7.80 -19.84 -19.40
N PHE B 41 -7.81 -18.65 -18.78
CA PHE B 41 -8.82 -17.62 -19.09
C PHE B 41 -8.31 -16.69 -20.18
N ASN B 42 -7.17 -16.95 -20.77
CA ASN B 42 -6.70 -16.20 -21.96
C ASN B 42 -6.60 -14.71 -21.62
N LEU B 43 -5.85 -14.39 -20.56
CA LEU B 43 -5.67 -13.00 -20.11
C LEU B 43 -4.36 -12.43 -20.62
N LYS B 44 -4.19 -11.13 -20.44
CA LYS B 44 -2.95 -10.48 -20.81
C LYS B 44 -2.62 -9.40 -19.78
N ALA B 45 -1.32 -9.21 -19.57
CA ALA B 45 -0.77 -8.29 -18.57
C ALA B 45 -0.28 -7.01 -19.23
N LEU B 46 -0.74 -5.86 -18.81
CA LEU B 46 -0.33 -4.53 -19.29
C LEU B 46 0.34 -3.77 -18.18
N VAL B 47 1.40 -3.06 -18.54
CA VAL B 47 2.10 -2.19 -17.56
C VAL B 47 2.33 -0.84 -18.19
N ASP B 48 2.58 0.18 -17.35
CA ASP B 48 2.89 1.53 -17.88
C ASP B 48 4.35 1.63 -18.32
N LYS B 49 5.23 0.82 -17.75
CA LYS B 49 6.65 0.78 -18.13
CA LYS B 49 6.69 0.88 -17.91
C LYS B 49 7.26 -0.50 -17.61
N TRP B 50 8.41 -0.85 -18.11
CA TRP B 50 8.99 -2.18 -17.88
C TRP B 50 10.49 -2.08 -17.88
N PRO B 51 11.20 -2.74 -16.94
CA PRO B 51 10.62 -3.59 -15.92
C PRO B 51 10.01 -2.96 -14.67
N ASP B 52 10.30 -1.69 -14.41
CA ASP B 52 9.99 -1.09 -13.09
C ASP B 52 8.63 -0.42 -13.18
N PHE B 53 7.60 -1.25 -13.40
CA PHE B 53 6.24 -0.73 -13.61
C PHE B 53 5.74 0.01 -12.38
N GLN B 54 4.90 0.98 -12.62
CA GLN B 54 4.16 1.66 -11.55
C GLN B 54 2.73 1.12 -11.47
N THR B 55 2.12 0.76 -12.59
CA THR B 55 0.74 0.22 -12.60
C THR B 55 0.75 -1.05 -13.44
N VAL B 56 0.03 -2.06 -12.99
CA VAL B 56 -0.25 -3.29 -13.75
C VAL B 56 -1.75 -3.51 -13.81
N VAL B 57 -2.19 -3.91 -14.99
CA VAL B 57 -3.60 -4.31 -15.23
C VAL B 57 -3.59 -5.65 -15.92
N ILE B 58 -4.29 -6.60 -15.36
CA ILE B 58 -4.58 -7.86 -16.06
C ILE B 58 -5.95 -7.71 -16.70
N ARG B 59 -6.07 -8.04 -17.97
CA ARG B 59 -7.38 -7.92 -18.66
C ARG B 59 -7.59 -9.09 -19.61
N PRO B 60 -8.85 -9.31 -20.02
CA PRO B 60 -9.15 -10.33 -20.99
C PRO B 60 -8.90 -9.86 -22.42
N GLN B 61 -9.11 -10.78 -23.35
CA GLN B 61 -8.92 -10.46 -24.79
C GLN B 61 -10.20 -9.80 -25.29
N GLU B 62 -10.03 -8.75 -26.05
CA GLU B 62 -11.11 -7.93 -26.63
C GLU B 62 -12.15 -8.82 -27.35
N GLN B 63 -11.68 -9.82 -28.08
CA GLN B 63 -12.59 -10.62 -28.94
C GLN B 63 -13.29 -11.70 -28.13
N ASP B 64 -12.92 -11.90 -26.86
CA ASP B 64 -13.66 -12.76 -25.91
C ASP B 64 -14.72 -11.93 -25.22
N MET B 65 -14.65 -10.62 -25.26
CA MET B 65 -15.49 -9.69 -24.46
C MET B 65 -16.57 -9.15 -25.39
N LYS B 66 -17.27 -10.10 -26.00
CA LYS B 66 -18.18 -9.77 -27.12
C LYS B 66 -19.56 -9.46 -26.57
N ASP B 67 -19.80 -9.59 -25.29
CA ASP B 67 -21.10 -9.35 -24.61
C ASP B 67 -20.89 -8.18 -23.63
N ASP B 68 -21.43 -7.00 -23.94
CA ASP B 68 -21.23 -5.81 -23.09
C ASP B 68 -21.83 -6.03 -21.70
N LEU B 69 -22.80 -6.90 -21.50
CA LEU B 69 -23.48 -7.10 -20.22
C LEU B 69 -22.77 -8.14 -19.37
N ASP B 70 -21.79 -8.85 -19.91
CA ASP B 70 -21.18 -9.97 -19.16
C ASP B 70 -20.01 -9.49 -18.29
N HIS B 71 -20.34 -8.94 -17.15
CA HIS B 71 -19.30 -8.36 -16.25
C HIS B 71 -18.46 -9.47 -15.67
N TYR B 72 -18.93 -10.72 -15.66
CA TYR B 72 -18.14 -11.85 -15.15
C TYR B 72 -16.95 -12.05 -16.06
N THR B 73 -17.14 -11.95 -17.37
CA THR B 73 -16.07 -12.05 -18.37
C THR B 73 -15.26 -10.76 -18.39
N ASN B 74 -15.94 -9.62 -18.26
CA ASN B 74 -15.28 -8.31 -18.43
C ASN B 74 -14.63 -7.88 -17.10
N THR B 75 -13.65 -8.64 -16.67
CA THR B 75 -13.00 -8.44 -15.35
C THR B 75 -11.56 -8.00 -15.57
N TYR B 76 -11.15 -7.03 -14.75
CA TYR B 76 -9.79 -6.47 -14.80
C TYR B 76 -9.19 -6.53 -13.39
N HIS B 77 -7.90 -6.83 -13.30
CA HIS B 77 -7.18 -6.95 -12.00
C HIS B 77 -6.13 -5.87 -11.95
N VAL B 78 -6.12 -5.07 -10.89
CA VAL B 78 -5.26 -3.86 -10.90
C VAL B 78 -4.43 -3.72 -9.62
N TYR B 79 -3.19 -3.27 -9.79
CA TYR B 79 -2.35 -2.93 -8.62
C TYR B 79 -1.48 -1.76 -9.09
N SER B 80 -1.25 -0.80 -8.19
CA SER B 80 -0.43 0.38 -8.55
C SER B 80 0.44 0.88 -7.40
N GLU B 81 1.66 1.25 -7.72
CA GLU B 81 2.60 1.92 -6.77
C GLU B 81 2.33 3.42 -6.75
N ASP B 82 1.62 3.99 -7.70
CA ASP B 82 1.56 5.45 -7.83
C ASP B 82 0.17 5.80 -8.33
N LEU B 83 -0.65 6.40 -7.48
CA LEU B 83 -2.08 6.54 -7.84
C LEU B 83 -2.28 7.55 -8.96
N LYS B 84 -1.41 8.57 -9.10
CA LYS B 84 -1.47 9.49 -10.27
C LYS B 84 -1.26 8.64 -11.55
N ASN B 85 -0.21 7.82 -11.53
CA ASN B 85 0.13 6.93 -12.67
CA ASN B 85 0.09 7.00 -12.73
C ASN B 85 -1.08 6.03 -12.98
N CYS B 86 -1.65 5.45 -11.93
CA CYS B 86 -2.79 4.50 -12.13
C CYS B 86 -3.94 5.20 -12.85
N GLN B 87 -4.28 6.44 -12.44
CA GLN B 87 -5.41 7.17 -13.06
C GLN B 87 -5.11 7.46 -14.52
N GLU B 88 -3.91 7.86 -14.85
CA GLU B 88 -3.51 8.09 -16.27
C GLU B 88 -3.58 6.78 -17.07
N PHE B 89 -3.16 5.65 -16.46
CA PHE B 89 -3.13 4.36 -17.17
C PHE B 89 -4.55 3.85 -17.41
N LEU B 90 -5.43 3.91 -16.43
CA LEU B 90 -6.82 3.41 -16.57
CA LEU B 90 -6.81 3.39 -16.59
C LEU B 90 -7.62 4.33 -17.49
N ASP B 91 -7.14 5.53 -17.74
CA ASP B 91 -7.77 6.47 -18.68
C ASP B 91 -7.51 6.08 -20.12
N LEU B 92 -6.57 5.18 -20.41
CA LEU B 92 -6.26 4.75 -21.80
C LEU B 92 -7.29 3.73 -22.28
N PRO B 93 -7.95 3.95 -23.45
CA PRO B 93 -9.01 3.06 -23.92
C PRO B 93 -8.52 1.66 -24.26
N GLU B 94 -7.22 1.50 -24.51
CA GLU B 94 -6.65 0.16 -24.78
C GLU B 94 -6.44 -0.60 -23.47
N VAL B 95 -6.53 0.04 -22.30
CA VAL B 95 -6.33 -0.62 -20.98
C VAL B 95 -7.67 -1.11 -20.47
N ILE B 96 -8.66 -0.23 -20.35
CA ILE B 96 -10.01 -0.57 -19.85
C ILE B 96 -11.02 -0.05 -20.87
N ASN B 97 -11.98 -0.89 -21.23
CA ASN B 97 -13.15 -0.46 -22.00
C ASN B 97 -14.32 -0.18 -21.08
N TRP B 98 -14.52 1.10 -20.74
CA TRP B 98 -15.56 1.57 -19.81
C TRP B 98 -16.95 1.62 -20.48
N LYS B 99 -17.08 1.22 -21.73
CA LYS B 99 -18.42 1.16 -22.40
C LYS B 99 -19.16 -0.12 -22.00
N GLN B 100 -18.49 -1.02 -21.31
CA GLN B 100 -19.12 -2.31 -20.97
C GLN B 100 -19.42 -2.43 -19.49
N HIS B 101 -20.34 -3.31 -19.13
CA HIS B 101 -20.52 -3.66 -17.72
C HIS B 101 -19.26 -4.44 -17.35
N LEU B 102 -18.57 -4.00 -16.31
CA LEU B 102 -17.26 -4.62 -15.99
C LEU B 102 -17.03 -4.69 -14.49
N GLN B 103 -16.03 -5.47 -14.12
CA GLN B 103 -15.63 -5.59 -12.70
C GLN B 103 -14.15 -5.25 -12.58
N ILE B 104 -13.80 -4.32 -11.70
N ILE B 104 -13.78 -4.30 -11.79
CA ILE B 104 -12.37 -4.06 -11.39
CA ILE B 104 -12.37 -4.13 -11.40
C ILE B 104 -12.13 -4.71 -10.03
C ILE B 104 -12.21 -4.82 -10.05
N GLN B 105 -11.21 -5.67 -9.97
CA GLN B 105 -10.91 -6.38 -8.71
C GLN B 105 -9.53 -5.97 -8.23
N SER B 106 -9.40 -5.70 -6.94
CA SER B 106 -8.08 -5.44 -6.36
C SER B 106 -8.12 -5.69 -4.87
N THR B 107 -7.01 -6.08 -4.28
CA THR B 107 -6.79 -6.05 -2.81
C THR B 107 -6.11 -4.74 -2.41
N GLN B 108 -6.29 -3.71 -3.17
CA GLN B 108 -5.72 -2.36 -2.94
C GLN B 108 -6.88 -1.36 -2.85
N SER B 109 -7.33 -1.06 -1.63
CA SER B 109 -8.48 -0.13 -1.42
C SER B 109 -8.17 1.28 -1.87
N SER B 110 -6.91 1.69 -1.85
CA SER B 110 -6.56 3.05 -2.28
C SER B 110 -6.89 3.32 -3.75
N LEU B 111 -7.21 2.30 -4.55
CA LEU B 111 -7.65 2.53 -5.93
C LEU B 111 -9.07 3.12 -5.96
N ASN B 112 -9.77 3.09 -4.85
CA ASN B 112 -11.16 3.59 -4.84
C ASN B 112 -11.26 5.01 -5.39
N GLU B 113 -10.41 5.93 -4.95
CA GLU B 113 -10.57 7.33 -5.40
C GLU B 113 -10.18 7.45 -6.84
N VAL B 114 -9.25 6.62 -7.32
CA VAL B 114 -8.91 6.64 -8.76
C VAL B 114 -10.15 6.23 -9.59
N ILE B 115 -10.81 5.16 -9.20
CA ILE B 115 -11.99 4.67 -9.96
CA ILE B 115 -12.01 4.65 -9.93
C ILE B 115 -13.13 5.71 -9.84
N GLN B 116 -13.33 6.28 -8.65
CA GLN B 116 -14.38 7.32 -8.46
C GLN B 116 -14.06 8.49 -9.35
N ASN B 117 -12.80 8.90 -9.43
CA ASN B 117 -12.42 10.07 -10.27
C ASN B 117 -12.72 9.74 -11.74
N LEU B 118 -12.42 8.53 -12.21
CA LEU B 118 -12.61 8.18 -13.62
C LEU B 118 -14.11 8.04 -13.90
N ALA B 119 -14.92 7.63 -12.95
CA ALA B 119 -16.39 7.52 -13.14
C ALA B 119 -16.91 8.88 -13.58
N ALA B 120 -16.35 9.92 -12.96
CA ALA B 120 -16.77 11.31 -13.19
C ALA B 120 -16.26 11.81 -14.53
N THR B 121 -15.06 11.41 -14.98
CA THR B 121 -14.45 11.93 -16.23
C THR B 121 -14.76 11.05 -17.44
N LYS B 122 -15.09 9.77 -17.23
CA LYS B 122 -15.33 8.82 -18.34
C LYS B 122 -16.82 8.45 -18.45
N SER B 123 -17.68 8.99 -17.60
CA SER B 123 -19.15 8.80 -17.67
C SER B 123 -19.50 7.33 -17.52
N PHE B 124 -19.19 6.79 -16.36
CA PHE B 124 -19.71 5.48 -15.92
C PHE B 124 -20.14 5.61 -14.48
N LYS B 125 -20.93 4.68 -14.01
CA LYS B 125 -21.29 4.63 -12.61
C LYS B 125 -20.66 3.43 -11.96
N VAL B 126 -20.46 3.52 -10.67
CA VAL B 126 -19.65 2.52 -9.93
C VAL B 126 -20.36 2.14 -8.63
N LYS B 127 -20.43 0.86 -8.30
CA LYS B 127 -20.90 0.32 -7.04
C LYS B 127 -19.75 -0.53 -6.53
N ARG B 128 -19.26 -0.24 -5.35
CA ARG B 128 -18.11 -0.94 -4.73
C ARG B 128 -18.59 -2.00 -3.75
N SER B 129 -18.05 -3.19 -3.85
CA SER B 129 -18.17 -4.33 -2.90
CA SER B 129 -18.19 -4.27 -2.84
C SER B 129 -16.85 -4.42 -2.13
N LYS B 130 -16.85 -4.20 -0.84
CA LYS B 130 -15.64 -4.23 0.00
C LYS B 130 -15.85 -5.32 1.04
N ASN B 131 -14.95 -6.27 1.08
CA ASN B 131 -15.07 -7.43 1.99
CA ASN B 131 -15.08 -7.43 2.00
C ASN B 131 -13.77 -7.61 2.77
N ILE B 132 -13.83 -8.38 3.83
CA ILE B 132 -12.63 -8.70 4.62
C ILE B 132 -11.77 -9.65 3.80
N LEU B 133 -10.49 -9.39 3.69
CA LEU B 133 -9.51 -10.26 3.00
C LEU B 133 -8.86 -11.16 4.03
N TYR B 134 -8.91 -12.45 3.78
CA TYR B 134 -8.24 -13.48 4.59
C TYR B 134 -7.12 -14.13 3.82
N MET B 135 -6.04 -14.47 4.52
CA MET B 135 -5.00 -15.36 3.98
CA MET B 135 -4.94 -15.31 3.99
C MET B 135 -4.69 -16.43 4.99
N ALA B 136 -4.28 -17.58 4.49
CA ALA B 136 -3.86 -18.68 5.37
C ALA B 136 -2.58 -18.23 6.10
N SER B 137 -2.51 -18.69 7.35
N SER B 137 -2.45 -18.67 7.35
CA SER B 137 -1.29 -18.59 8.19
CA SER B 137 -1.18 -18.46 8.10
C SER B 137 -0.05 -19.09 7.42
C SER B 137 0.02 -19.06 7.35
N GLU B 138 -0.14 -20.20 6.70
CA GLU B 138 0.97 -20.81 5.94
C GLU B 138 1.43 -19.89 4.82
N THR B 139 0.48 -19.21 4.16
CA THR B 139 0.81 -18.32 3.06
C THR B 139 1.51 -17.06 3.61
N ILE B 140 1.01 -16.54 4.72
CA ILE B 140 1.64 -15.37 5.40
C ILE B 140 3.11 -15.71 5.71
N LYS B 141 3.36 -16.91 6.25
CA LYS B 141 4.78 -17.24 6.56
C LYS B 141 5.66 -17.38 5.32
N GLU B 142 5.12 -17.97 4.25
CA GLU B 142 5.88 -18.24 2.99
C GLU B 142 6.21 -16.91 2.31
N LEU B 143 5.17 -16.12 2.04
CA LEU B 143 5.24 -15.01 1.05
C LEU B 143 5.44 -13.66 1.72
N THR B 144 4.94 -13.48 2.94
CA THR B 144 5.09 -12.20 3.69
C THR B 144 5.65 -12.47 5.08
N PRO B 145 6.88 -13.02 5.21
CA PRO B 145 7.45 -13.36 6.52
C PRO B 145 7.98 -12.14 7.31
N GLY B 158 -5.08 -26.14 12.92
CA GLY B 158 -6.13 -25.49 12.10
C GLY B 158 -7.01 -26.47 11.34
N LYS B 159 -7.36 -27.63 11.90
CA LYS B 159 -8.18 -28.66 11.20
C LYS B 159 -9.67 -28.42 11.41
N PRO B 160 -10.53 -28.79 10.45
CA PRO B 160 -11.98 -28.76 10.66
C PRO B 160 -12.39 -29.69 11.81
N LYS B 161 -13.50 -29.35 12.48
CA LYS B 161 -14.14 -30.25 13.48
C LYS B 161 -14.60 -31.50 12.73
N ALA B 162 -14.34 -32.67 13.31
CA ALA B 162 -14.66 -33.99 12.73
C ALA B 162 -16.11 -34.03 12.26
N ILE B 163 -16.35 -34.75 11.17
CA ILE B 163 -17.73 -35.06 10.66
C ILE B 163 -17.83 -36.57 10.44
N ASP B 164 -19.07 -37.06 10.47
CA ASP B 164 -19.40 -38.51 10.34
C ASP B 164 -19.05 -38.98 8.94
N PRO B 165 -17.99 -39.81 8.76
CA PRO B 165 -17.57 -40.25 7.42
C PRO B 165 -18.57 -41.20 6.73
N GLU B 166 -19.62 -41.63 7.44
CA GLU B 166 -20.70 -42.51 6.91
C GLU B 166 -21.80 -41.61 6.32
N MET B 167 -21.81 -40.32 6.67
CA MET B 167 -22.78 -39.32 6.15
C MET B 167 -22.13 -38.56 4.99
N PHE B 168 -20.82 -38.23 5.10
CA PHE B 168 -20.16 -37.21 4.23
C PHE B 168 -18.78 -37.68 3.74
N LYS B 169 -18.55 -37.50 2.43
CA LYS B 169 -17.34 -37.98 1.71
C LYS B 169 -16.78 -36.84 0.86
N LEU B 170 -15.47 -36.61 0.95
CA LEU B 170 -14.76 -35.64 0.07
C LEU B 170 -14.89 -36.07 -1.37
N SER B 171 -15.19 -35.13 -2.25
CA SER B 171 -15.20 -35.33 -3.70
C SER B 171 -14.90 -34.01 -4.41
N SER B 172 -15.17 -33.96 -5.71
N SER B 172 -15.19 -33.94 -5.72
CA SER B 172 -15.14 -32.72 -6.53
CA SER B 172 -15.09 -32.72 -6.54
C SER B 172 -16.46 -32.62 -7.29
C SER B 172 -16.35 -32.62 -7.42
N VAL B 173 -16.84 -31.40 -7.68
CA VAL B 173 -18.12 -31.15 -8.43
C VAL B 173 -17.80 -31.40 -9.91
N ASP B 174 -18.70 -31.98 -10.69
CA ASP B 174 -18.49 -31.98 -12.17
CA ASP B 174 -18.53 -32.00 -12.18
C ASP B 174 -19.12 -30.71 -12.74
N PRO B 175 -18.83 -30.35 -14.01
CA PRO B 175 -19.47 -29.21 -14.67
C PRO B 175 -20.99 -29.12 -14.46
N SER B 176 -21.69 -30.25 -14.35
CA SER B 176 -23.16 -30.33 -14.25
C SER B 176 -23.70 -29.66 -12.98
N HIS B 177 -23.10 -29.93 -11.81
CA HIS B 177 -23.58 -29.34 -10.53
CA HIS B 177 -23.49 -29.36 -10.50
CA HIS B 177 -23.54 -29.34 -10.51
C HIS B 177 -23.17 -27.86 -10.51
N ALA B 178 -22.60 -27.35 -11.59
CA ALA B 178 -22.41 -25.91 -11.76
C ALA B 178 -23.77 -25.23 -11.49
N ALA B 179 -24.89 -25.81 -11.95
CA ALA B 179 -26.21 -25.16 -11.81
C ALA B 179 -26.58 -24.99 -10.34
N VAL B 180 -26.24 -25.91 -9.47
CA VAL B 180 -26.54 -25.83 -8.03
C VAL B 180 -25.64 -24.76 -7.37
N VAL B 181 -24.36 -24.76 -7.67
CA VAL B 181 -23.43 -23.73 -7.11
C VAL B 181 -24.02 -22.37 -7.50
N ASN B 182 -24.35 -22.21 -8.78
CA ASN B 182 -24.87 -20.92 -9.28
C ASN B 182 -26.20 -20.55 -8.64
N ARG B 183 -27.08 -21.53 -8.43
CA ARG B 183 -28.39 -21.30 -7.79
C ARG B 183 -28.20 -20.57 -6.48
N PHE B 184 -27.19 -20.92 -5.70
CA PHE B 184 -27.03 -20.41 -4.32
C PHE B 184 -25.93 -19.35 -4.23
N TRP B 185 -25.35 -18.92 -5.35
CA TRP B 185 -24.34 -17.84 -5.34
C TRP B 185 -25.10 -16.50 -5.36
N LEU B 186 -24.99 -15.74 -4.28
CA LEU B 186 -25.77 -14.47 -4.14
C LEU B 186 -25.42 -13.47 -5.25
N PHE B 187 -24.22 -13.54 -5.81
CA PHE B 187 -23.78 -12.62 -6.88
C PHE B 187 -23.94 -13.25 -8.26
N GLY B 188 -24.63 -14.39 -8.29
CA GLY B 188 -24.94 -15.08 -9.54
C GLY B 188 -26.41 -15.34 -9.64
N GLY B 189 -26.79 -16.59 -9.81
CA GLY B 189 -28.20 -16.96 -9.96
C GLY B 189 -28.70 -16.71 -11.37
N ASN B 190 -27.89 -16.35 -12.35
CA ASN B 190 -28.35 -16.07 -13.71
C ASN B 190 -27.60 -16.91 -14.72
N GLU B 191 -27.88 -16.78 -15.99
CA GLU B 191 -27.26 -17.62 -17.01
C GLU B 191 -25.80 -17.22 -17.23
N ARG B 192 -25.49 -15.93 -17.24
CA ARG B 192 -24.09 -15.50 -17.44
C ARG B 192 -23.24 -15.93 -16.25
N SER B 193 -23.79 -15.84 -15.06
CA SER B 193 -23.04 -16.28 -13.87
C SER B 193 -22.82 -17.79 -13.93
N LEU B 194 -23.80 -18.55 -14.43
CA LEU B 194 -23.67 -20.01 -14.56
C LEU B 194 -22.49 -20.28 -15.47
N ARG B 195 -22.40 -19.61 -16.58
CA ARG B 195 -21.31 -19.84 -17.54
C ARG B 195 -19.96 -19.57 -16.84
N PHE B 196 -19.86 -18.52 -16.02
CA PHE B 196 -18.62 -18.20 -15.30
C PHE B 196 -18.28 -19.34 -14.34
N ILE B 197 -19.23 -19.86 -13.60
CA ILE B 197 -19.00 -20.96 -12.66
C ILE B 197 -18.56 -22.19 -13.47
N GLU B 198 -19.19 -22.47 -14.58
CA GLU B 198 -18.80 -23.65 -15.38
C GLU B 198 -17.36 -23.48 -15.83
N ARG B 199 -16.92 -22.31 -16.24
CA ARG B 199 -15.52 -22.02 -16.61
CA ARG B 199 -15.51 -22.10 -16.64
C ARG B 199 -14.59 -22.28 -15.42
N CYS B 200 -14.98 -21.88 -14.25
CA CYS B 200 -14.12 -22.06 -13.07
C CYS B 200 -14.01 -23.55 -12.71
N ILE B 201 -15.07 -24.30 -12.86
CA ILE B 201 -15.02 -25.75 -12.54
C ILE B 201 -14.19 -26.44 -13.62
N GLN B 202 -14.28 -26.03 -14.86
CA GLN B 202 -13.50 -26.69 -15.94
CA GLN B 202 -13.49 -26.63 -15.97
C GLN B 202 -12.00 -26.40 -15.72
N SER B 203 -11.64 -25.20 -15.23
CA SER B 203 -10.25 -24.70 -15.30
C SER B 203 -9.48 -24.86 -14.00
N PHE B 204 -10.12 -24.87 -12.84
CA PHE B 204 -9.43 -24.76 -11.52
C PHE B 204 -9.94 -25.77 -10.54
N PRO B 205 -9.09 -26.19 -9.58
CA PRO B 205 -9.52 -27.20 -8.62
C PRO B 205 -10.76 -26.78 -7.85
N ASN B 206 -11.55 -27.77 -7.49
CA ASN B 206 -12.71 -27.57 -6.62
C ASN B 206 -12.86 -28.79 -5.71
N PHE B 207 -13.42 -28.58 -4.53
CA PHE B 207 -13.72 -29.71 -3.63
C PHE B 207 -15.15 -29.58 -3.16
N CYS B 208 -15.74 -30.72 -2.85
CA CYS B 208 -17.08 -30.73 -2.24
C CYS B 208 -17.15 -31.83 -1.20
N LEU B 209 -18.14 -31.76 -0.33
CA LEU B 209 -18.57 -32.95 0.44
C LEU B 209 -19.80 -33.51 -0.24
N LEU B 210 -19.80 -34.81 -0.45
CA LEU B 210 -21.00 -35.57 -0.87
C LEU B 210 -21.80 -35.90 0.37
N GLY B 211 -23.10 -35.73 0.30
CA GLY B 211 -24.00 -36.08 1.42
C GLY B 211 -24.37 -37.58 1.38
N PRO B 212 -25.22 -37.98 2.33
CA PRO B 212 -25.64 -39.39 2.44
C PRO B 212 -26.35 -39.91 1.18
N GLU B 213 -26.92 -39.03 0.34
CA GLU B 213 -27.52 -39.46 -0.96
C GLU B 213 -26.46 -39.51 -2.07
N GLY B 214 -25.20 -39.09 -1.83
CA GLY B 214 -24.08 -39.29 -2.79
C GLY B 214 -23.84 -38.10 -3.71
N THR B 215 -24.41 -36.94 -3.40
CA THR B 215 -24.33 -35.73 -4.26
C THR B 215 -23.76 -34.57 -3.47
N PRO B 216 -23.28 -33.50 -4.14
CA PRO B 216 -22.65 -32.41 -3.39
C PRO B 216 -23.58 -31.64 -2.47
N VAL B 217 -23.19 -31.53 -1.20
CA VAL B 217 -23.97 -30.75 -0.22
C VAL B 217 -23.22 -29.49 0.17
N SER B 218 -21.90 -29.44 -0.06
CA SER B 218 -21.13 -28.22 0.26
CA SER B 218 -21.07 -28.26 0.31
C SER B 218 -19.94 -28.18 -0.70
N TRP B 219 -19.45 -27.00 -0.99
CA TRP B 219 -18.47 -26.86 -2.09
C TRP B 219 -17.56 -25.66 -1.85
N SER B 220 -16.40 -25.74 -2.48
CA SER B 220 -15.37 -24.69 -2.52
C SER B 220 -14.87 -24.64 -3.96
N LEU B 221 -14.90 -23.49 -4.61
CA LEU B 221 -14.39 -23.30 -5.99
C LEU B 221 -13.21 -22.34 -5.94
N MET B 222 -12.68 -22.09 -7.11
CA MET B 222 -11.54 -21.17 -7.30
C MET B 222 -11.79 -20.45 -8.61
N ASP B 223 -11.32 -19.21 -8.72
CA ASP B 223 -11.39 -18.51 -10.00
C ASP B 223 -10.01 -18.21 -10.56
N GLN B 224 -9.95 -17.46 -11.63
CA GLN B 224 -8.73 -17.19 -12.40
C GLN B 224 -7.70 -16.34 -11.67
N THR B 225 -8.06 -15.88 -10.49
CA THR B 225 -7.16 -15.12 -9.59
C THR B 225 -6.54 -16.07 -8.59
N GLY B 226 -6.93 -17.33 -8.59
CA GLY B 226 -6.45 -18.26 -7.56
C GLY B 226 -7.13 -18.14 -6.23
N GLU B 227 -8.05 -17.20 -6.07
CA GLU B 227 -8.76 -17.04 -4.80
C GLU B 227 -9.73 -18.21 -4.61
N MET B 228 -9.90 -18.64 -3.37
CA MET B 228 -10.98 -19.57 -3.02
C MET B 228 -12.27 -18.77 -3.08
N ARG B 229 -13.26 -19.27 -3.78
CA ARG B 229 -14.46 -18.52 -4.13
C ARG B 229 -15.71 -19.37 -4.03
N MET B 230 -16.83 -18.68 -3.93
CA MET B 230 -18.19 -19.18 -4.22
C MET B 230 -18.49 -20.42 -3.37
N ALA B 231 -17.95 -20.45 -2.16
CA ALA B 231 -18.22 -21.55 -1.20
C ALA B 231 -19.70 -21.50 -0.84
N GLY B 232 -20.28 -22.67 -0.66
CA GLY B 232 -21.72 -22.74 -0.32
C GLY B 232 -22.12 -24.11 0.10
N THR B 233 -23.37 -24.18 0.55
CA THR B 233 -24.00 -25.38 1.15
CA THR B 233 -23.97 -25.47 0.96
C THR B 233 -25.45 -25.41 0.67
N LEU B 234 -26.01 -26.56 0.40
CA LEU B 234 -27.47 -26.65 0.27
C LEU B 234 -28.10 -26.07 1.53
N PRO B 235 -29.24 -25.34 1.41
CA PRO B 235 -29.87 -24.74 2.58
C PRO B 235 -30.11 -25.72 3.73
N GLU B 236 -30.49 -26.96 3.42
CA GLU B 236 -30.86 -27.91 4.49
CA GLU B 236 -30.86 -27.98 4.42
C GLU B 236 -29.60 -28.47 5.20
N TYR B 237 -28.39 -28.15 4.72
CA TYR B 237 -27.09 -28.61 5.31
C TYR B 237 -26.31 -27.43 5.92
N ARG B 238 -26.88 -26.24 5.98
CA ARG B 238 -26.18 -25.05 6.55
C ARG B 238 -26.09 -25.20 8.07
N ALA B 239 -25.09 -24.55 8.66
CA ALA B 239 -24.92 -24.38 10.12
C ALA B 239 -24.47 -25.71 10.74
N GLN B 240 -23.87 -26.59 9.93
CA GLN B 240 -23.31 -27.90 10.34
C GLN B 240 -21.80 -27.90 10.11
N GLY B 241 -21.22 -26.76 9.75
CA GLY B 241 -19.77 -26.62 9.47
C GLY B 241 -19.25 -27.52 8.37
N LEU B 242 -20.08 -27.91 7.38
CA LEU B 242 -19.62 -28.74 6.23
C LEU B 242 -18.66 -27.95 5.32
N VAL B 243 -18.95 -26.69 5.05
CA VAL B 243 -18.14 -25.93 4.05
C VAL B 243 -16.68 -25.81 4.53
N THR B 244 -16.45 -25.85 5.84
CA THR B 244 -15.11 -25.81 6.43
C THR B 244 -14.27 -26.93 5.83
N HIS B 245 -14.86 -28.12 5.69
CA HIS B 245 -14.12 -29.29 5.16
C HIS B 245 -13.77 -29.11 3.67
N ALA B 246 -14.65 -28.53 2.86
CA ALA B 246 -14.37 -28.31 1.43
C ALA B 246 -13.24 -27.26 1.30
N ILE B 247 -13.36 -26.17 2.05
CA ILE B 247 -12.34 -25.10 2.01
C ILE B 247 -10.99 -25.63 2.52
N TYR B 248 -10.99 -26.41 3.61
CA TYR B 248 -9.72 -26.96 4.12
C TYR B 248 -9.00 -27.79 3.06
N GLN B 249 -9.74 -28.59 2.30
CA GLN B 249 -9.09 -29.42 1.28
C GLN B 249 -8.64 -28.56 0.12
N GLN B 250 -9.42 -27.55 -0.27
CA GLN B 250 -9.01 -26.60 -1.31
C GLN B 250 -7.69 -25.92 -0.90
N ALA B 251 -7.64 -25.41 0.31
CA ALA B 251 -6.43 -24.75 0.83
C ALA B 251 -5.21 -25.69 0.81
N GLN B 252 -5.39 -26.94 1.26
CA GLN B 252 -4.25 -27.87 1.32
C GLN B 252 -3.67 -28.07 -0.07
N CYS B 253 -4.53 -28.26 -1.07
CA CYS B 253 -4.09 -28.51 -2.47
CA CYS B 253 -4.15 -28.49 -2.51
CA CYS B 253 -4.02 -28.52 -2.44
C CYS B 253 -3.40 -27.26 -3.02
N LEU B 254 -3.93 -26.06 -2.71
CA LEU B 254 -3.22 -24.83 -3.16
C LEU B 254 -1.80 -24.81 -2.60
N LEU B 255 -1.66 -25.09 -1.30
CA LEU B 255 -0.33 -25.06 -0.64
C LEU B 255 0.58 -26.07 -1.30
N LYS B 256 0.07 -27.27 -1.58
CA LYS B 256 0.92 -28.33 -2.19
CA LYS B 256 0.91 -28.33 -2.20
C LYS B 256 1.39 -27.86 -3.57
N ARG B 257 0.61 -27.05 -4.28
CA ARG B 257 0.96 -26.63 -5.66
CA ARG B 257 0.93 -26.61 -5.67
C ARG B 257 1.72 -25.29 -5.64
N GLY B 258 1.95 -24.72 -4.46
CA GLY B 258 2.78 -23.50 -4.30
C GLY B 258 2.00 -22.23 -4.55
N PHE B 259 0.67 -22.31 -4.48
CA PHE B 259 -0.15 -21.10 -4.67
C PHE B 259 -0.55 -20.49 -3.33
N PRO B 260 -0.89 -19.18 -3.31
CA PRO B 260 -1.35 -18.57 -2.08
C PRO B 260 -2.78 -19.02 -1.76
N VAL B 261 -3.09 -19.16 -0.49
CA VAL B 261 -4.44 -19.45 0.03
C VAL B 261 -5.03 -18.12 0.51
N TYR B 262 -6.08 -17.68 -0.17
CA TYR B 262 -6.76 -16.42 0.21
C TYR B 262 -8.24 -16.53 -0.09
N SER B 263 -9.00 -15.64 0.51
CA SER B 263 -10.48 -15.66 0.45
C SER B 263 -11.02 -14.32 0.96
N HIS B 264 -12.31 -14.14 0.85
CA HIS B 264 -12.93 -12.92 1.41
C HIS B 264 -14.26 -13.29 2.05
N VAL B 265 -14.68 -12.41 2.94
CA VAL B 265 -15.95 -12.63 3.70
C VAL B 265 -16.62 -11.27 3.93
N ASP B 266 -17.95 -11.23 3.76
CA ASP B 266 -18.79 -10.08 4.13
C ASP B 266 -18.74 -9.92 5.65
N PRO B 267 -18.52 -8.70 6.16
CA PRO B 267 -18.59 -8.45 7.59
C PRO B 267 -19.88 -8.99 8.22
N LYS B 268 -20.99 -9.07 7.47
CA LYS B 268 -22.27 -9.56 8.05
C LYS B 268 -22.23 -11.08 8.24
N ASN B 269 -21.34 -11.77 7.53
CA ASN B 269 -21.31 -13.26 7.57
C ASN B 269 -20.39 -13.72 8.69
N GLN B 270 -20.94 -13.82 9.88
CA GLN B 270 -20.14 -14.18 11.07
C GLN B 270 -19.78 -15.67 11.04
N ILE B 271 -20.62 -16.49 10.43
CA ILE B 271 -20.37 -17.96 10.34
C ILE B 271 -19.08 -18.19 9.54
N MET B 272 -18.96 -17.55 8.39
CA MET B 272 -17.76 -17.71 7.54
C MET B 272 -16.55 -17.06 8.19
N GLN B 273 -16.73 -15.97 8.93
CA GLN B 273 -15.56 -15.41 9.67
C GLN B 273 -15.10 -16.40 10.73
N LYS B 274 -16.05 -17.00 11.46
CA LYS B 274 -15.71 -17.99 12.52
C LYS B 274 -15.01 -19.19 11.87
N MET B 275 -15.56 -19.65 10.75
CA MET B 275 -14.94 -20.76 10.00
CA MET B 275 -14.98 -20.73 9.90
C MET B 275 -13.52 -20.36 9.56
N SER B 276 -13.30 -19.15 9.03
CA SER B 276 -11.94 -18.73 8.59
C SER B 276 -10.97 -18.76 9.80
N GLN B 277 -11.44 -18.28 10.95
CA GLN B 277 -10.66 -18.23 12.21
CA GLN B 277 -10.60 -18.24 12.17
C GLN B 277 -10.27 -19.66 12.61
N SER B 278 -11.21 -20.60 12.48
CA SER B 278 -11.04 -22.04 12.84
C SER B 278 -9.95 -22.67 11.99
N LEU B 279 -9.75 -22.21 10.74
CA LEU B 279 -8.69 -22.77 9.87
C LEU B 279 -7.37 -21.97 9.99
N ASN B 280 -7.34 -21.00 10.90
CA ASN B 280 -6.18 -20.11 11.13
C ASN B 280 -5.95 -19.21 9.91
N HIS B 281 -7.01 -18.89 9.18
CA HIS B 281 -6.96 -17.81 8.19
C HIS B 281 -7.09 -16.48 8.91
N VAL B 282 -6.26 -15.53 8.52
CA VAL B 282 -6.04 -14.25 9.25
C VAL B 282 -6.60 -13.12 8.40
N PRO B 283 -7.38 -12.20 9.00
CA PRO B 283 -7.79 -11.01 8.29
C PRO B 283 -6.61 -10.06 8.07
N MET B 284 -6.53 -9.51 6.86
N MET B 284 -6.50 -9.52 6.87
CA MET B 284 -5.37 -8.74 6.37
CA MET B 284 -5.30 -8.75 6.46
C MET B 284 -5.56 -7.24 6.54
C MET B 284 -5.55 -7.26 6.54
N PRO B 285 -4.46 -6.45 6.54
CA PRO B 285 -4.59 -5.00 6.56
C PRO B 285 -5.13 -4.42 5.25
N SER B 286 -5.07 -5.20 4.18
CA SER B 286 -5.68 -4.86 2.87
C SER B 286 -7.11 -5.42 2.86
N ASP B 287 -8.01 -4.76 2.15
CA ASP B 287 -9.38 -5.29 1.95
C ASP B 287 -9.49 -5.92 0.55
N TRP B 288 -10.54 -6.73 0.42
CA TRP B 288 -10.90 -7.28 -0.91
C TRP B 288 -11.87 -6.27 -1.52
N ASN B 289 -11.63 -5.91 -2.76
CA ASN B 289 -12.55 -4.97 -3.42
C ASN B 289 -12.99 -5.42 -4.81
N GLN B 290 -14.22 -5.10 -5.14
CA GLN B 290 -14.71 -5.27 -6.53
C GLN B 290 -15.51 -4.01 -6.86
N TRP B 291 -15.07 -3.29 -7.87
CA TRP B 291 -15.83 -2.12 -8.34
C TRP B 291 -16.62 -2.55 -9.57
N ASN B 292 -17.94 -2.53 -9.44
CA ASN B 292 -18.85 -2.89 -10.53
C ASN B 292 -19.14 -1.60 -11.30
N CYS B 293 -18.76 -1.55 -12.56
CA CYS B 293 -18.88 -0.32 -13.34
C CYS B 293 -19.76 -0.60 -14.55
N GLU B 294 -20.56 0.40 -14.89
CA GLU B 294 -21.38 0.29 -16.12
C GLU B 294 -21.56 1.69 -16.70
N PRO B 295 -21.80 1.82 -18.01
CA PRO B 295 -22.07 3.12 -18.58
C PRO B 295 -23.32 3.76 -17.96
N LEU B 296 -23.35 5.08 -17.96
CA LEU B 296 -24.55 5.80 -17.48
C LEU B 296 -25.76 5.40 -18.35
#